data_6V16
#
_entry.id   6V16
#
_cell.length_a   47.084
_cell.length_b   33.497
_cell.length_c   76.561
_cell.angle_alpha   90.000
_cell.angle_beta   98.450
_cell.angle_gamma   90.000
#
_symmetry.space_group_name_H-M   'P 1 21 1'
#
loop_
_entity.id
_entity.type
_entity.pdbx_description
1 polymer 'Bromodomain-containing protein 7'
2 non-polymer 3-(6-acetylpyrrolo[1,2-a]pyrimidin-8-yl)-N-cyclopropyl-4-methylbenzamide
3 non-polymer 1,2-ETHANEDIOL
4 non-polymer HEXANE-1,6-DIOL
5 non-polymer GLYCEROL
6 water water
#
_entity_poly.entity_id   1
_entity_poly.type   'polypeptide(L)'
_entity_poly.pdbx_seq_one_letter_code
;ESEVEQTPLQEALNQLMRQLQRKDPSAFFSFPVTDFIAPGYSMIIKHPMDFSTMKEKIKNNDYQSIEELKDNFKLMCTNA
MIYNKPETIYYKAAKKLLHSGMKILSQERIQSLKQSIDFMADL
;
_entity_poly.pdbx_strand_id   A,B
#
# COMPACT_ATOMS: atom_id res chain seq x y z
N GLU A 5 10.62 -5.46 -12.17
CA GLU A 5 10.53 -6.37 -11.05
C GLU A 5 9.08 -6.53 -10.59
N GLN A 6 8.29 -5.49 -10.79
CA GLN A 6 6.88 -5.48 -10.39
C GLN A 6 6.08 -4.63 -11.36
N THR A 7 4.96 -5.17 -11.84
CA THR A 7 4.04 -4.38 -12.64
C THR A 7 3.27 -3.42 -11.73
N PRO A 8 2.67 -2.37 -12.32
CA PRO A 8 1.80 -1.50 -11.50
C PRO A 8 0.70 -2.25 -10.77
N LEU A 9 0.08 -3.25 -11.41
CA LEU A 9 -0.93 -4.04 -10.72
C LEU A 9 -0.33 -4.79 -9.54
N GLN A 10 0.84 -5.40 -9.74
CA GLN A 10 1.54 -6.06 -8.64
C GLN A 10 1.84 -5.09 -7.51
N GLU A 11 2.33 -3.89 -7.84
CA GLU A 11 2.60 -2.88 -6.83
C GLU A 11 1.33 -2.50 -6.07
N ALA A 12 0.22 -2.35 -6.79
CA ALA A 12 -1.05 -2.04 -6.14
C ALA A 12 -1.53 -3.20 -5.26
N LEU A 13 -1.37 -4.44 -5.74
CA LEU A 13 -1.79 -5.59 -4.94
C LEU A 13 -0.93 -5.73 -3.69
N ASN A 14 0.37 -5.44 -3.81
CA ASN A 14 1.26 -5.56 -2.66
C ASN A 14 0.94 -4.51 -1.60
N GLN A 15 0.49 -3.33 -2.01
CA GLN A 15 0.17 -2.30 -1.05
C GLN A 15 -1.11 -2.62 -0.30
N LEU A 16 -2.11 -3.17 -0.99
CA LEU A 16 -3.33 -3.60 -0.33
C LEU A 16 -3.04 -4.70 0.68
N MET A 17 -2.19 -5.67 0.30
CA MET A 17 -1.77 -6.73 1.21
C MET A 17 -1.26 -6.16 2.52
N ARG A 18 -0.28 -5.25 2.45
CA ARG A 18 0.28 -4.65 3.66
C ARG A 18 -0.81 -3.96 4.49
N GLN A 19 -1.73 -3.26 3.83
CA GLN A 19 -2.82 -2.61 4.53
C GLN A 19 -3.68 -3.63 5.27
N LEU A 20 -4.04 -4.72 4.58
CA LEU A 20 -4.90 -5.72 5.19
C LEU A 20 -4.22 -6.41 6.36
N GLN A 21 -2.92 -6.73 6.23
CA GLN A 21 -2.21 -7.45 7.27
C GLN A 21 -2.10 -6.64 8.56
N ARG A 22 -2.10 -5.31 8.44
CA ARG A 22 -2.05 -4.47 9.64
C ARG A 22 -3.32 -4.59 10.47
N LYS A 23 -4.40 -5.11 9.89
CA LYS A 23 -5.63 -5.39 10.62
C LYS A 23 -5.63 -6.78 11.25
N ASP A 24 -4.52 -7.51 11.15
CA ASP A 24 -4.35 -8.81 11.79
C ASP A 24 -3.13 -8.74 12.70
N PRO A 25 -3.22 -7.98 13.80
CA PRO A 25 -2.06 -7.82 14.68
C PRO A 25 -1.67 -9.09 15.41
N SER A 26 -2.62 -10.01 15.60
CA SER A 26 -2.33 -11.31 16.19
C SER A 26 -1.58 -12.24 15.26
N ALA A 27 -1.51 -11.92 13.97
CA ALA A 27 -0.81 -12.73 12.97
C ALA A 27 -1.45 -14.11 12.83
N PHE A 28 -2.76 -14.20 13.02
CA PHE A 28 -3.46 -15.47 12.86
C PHE A 28 -3.68 -15.82 11.39
N PHE A 29 -3.69 -14.84 10.50
CA PHE A 29 -3.96 -15.05 9.09
C PHE A 29 -2.69 -14.87 8.26
N SER A 30 -1.54 -14.74 8.92
CA SER A 30 -0.26 -14.55 8.25
C SER A 30 0.18 -15.79 7.49
N PHE A 31 -0.15 -16.98 8.00
CA PHE A 31 0.43 -18.22 7.55
C PHE A 31 -0.65 -19.28 7.38
N PRO A 32 -0.41 -20.31 6.57
CA PRO A 32 -1.45 -21.31 6.31
C PRO A 32 -1.82 -22.09 7.57
N VAL A 33 -3.11 -22.37 7.70
CA VAL A 33 -3.57 -23.29 8.75
C VAL A 33 -3.20 -24.71 8.34
N THR A 34 -2.74 -25.51 9.32
CA THR A 34 -2.40 -26.90 9.06
C THR A 34 -3.29 -27.81 9.90
N ASP A 35 -3.37 -29.07 9.48
CA ASP A 35 -4.17 -30.04 10.21
C ASP A 35 -3.61 -30.32 11.60
N PHE A 36 -2.33 -30.03 11.84
CA PHE A 36 -1.77 -30.26 13.17
C PHE A 36 -2.33 -29.27 14.19
N ILE A 37 -2.43 -27.99 13.80
CA ILE A 37 -2.95 -27.00 14.72
C ILE A 37 -4.47 -26.89 14.65
N ALA A 38 -5.08 -27.43 13.58
CA ALA A 38 -6.53 -27.39 13.41
C ALA A 38 -6.95 -28.75 12.89
N PRO A 39 -7.24 -29.70 13.78
CA PRO A 39 -7.54 -31.07 13.35
C PRO A 39 -8.73 -31.12 12.42
N GLY A 40 -8.59 -31.90 11.35
CA GLY A 40 -9.64 -32.02 10.36
C GLY A 40 -9.85 -30.82 9.47
N TYR A 41 -8.93 -29.86 9.48
CA TYR A 41 -9.10 -28.65 8.67
C TYR A 41 -9.21 -28.97 7.19
N SER A 42 -8.29 -29.78 6.67
CA SER A 42 -8.26 -30.08 5.25
C SER A 42 -9.46 -30.91 4.81
N MET A 43 -10.18 -31.54 5.73
CA MET A 43 -11.39 -32.27 5.39
C MET A 43 -12.61 -31.37 5.36
N ILE A 44 -12.51 -30.18 5.96
CA ILE A 44 -13.62 -29.24 6.06
C ILE A 44 -13.45 -28.06 5.10
N ILE A 45 -12.23 -27.54 4.98
CA ILE A 45 -11.95 -26.37 4.16
C ILE A 45 -11.29 -26.83 2.87
N LYS A 46 -11.99 -26.68 1.74
CA LYS A 46 -11.49 -27.22 0.48
C LYS A 46 -10.51 -26.27 -0.21
N HIS A 47 -10.59 -24.97 0.05
CA HIS A 47 -9.75 -23.97 -0.60
C HIS A 47 -9.15 -23.06 0.45
N PRO A 48 -8.05 -23.48 1.08
CA PRO A 48 -7.41 -22.64 2.10
C PRO A 48 -6.79 -21.40 1.49
N MET A 49 -6.70 -20.35 2.31
CA MET A 49 -6.08 -19.11 1.90
C MET A 49 -5.51 -18.41 3.12
N ASP A 50 -4.41 -17.67 2.91
CA ASP A 50 -3.76 -16.92 3.97
C ASP A 50 -2.92 -15.84 3.32
N PHE A 51 -2.43 -14.90 4.14
CA PHE A 51 -1.71 -13.75 3.59
C PHE A 51 -0.42 -14.18 2.91
N SER A 52 0.30 -15.16 3.47
CA SER A 52 1.54 -15.61 2.84
C SER A 52 1.27 -16.25 1.49
N THR A 53 0.16 -16.98 1.36
CA THR A 53 -0.19 -17.54 0.06
C THR A 53 -0.61 -16.46 -0.92
N MET A 54 -1.42 -15.49 -0.46
CA MET A 54 -1.75 -14.35 -1.30
C MET A 54 -0.48 -13.65 -1.77
N LYS A 55 0.51 -13.53 -0.88
CA LYS A 55 1.77 -12.92 -1.26
C LYS A 55 2.45 -13.69 -2.40
N GLU A 56 2.39 -15.02 -2.41
CA GLU A 56 3.03 -15.70 -3.54
C GLU A 56 2.23 -15.58 -4.81
N LYS A 57 0.93 -15.45 -4.69
CA LYS A 57 0.13 -15.35 -5.89
C LYS A 57 0.38 -14.04 -6.62
N ILE A 58 0.62 -12.97 -5.86
CA ILE A 58 1.01 -11.70 -6.47
C ILE A 58 2.35 -11.84 -7.16
N LYS A 59 3.35 -12.33 -6.43
CA LYS A 59 4.69 -12.51 -6.99
C LYS A 59 4.68 -13.44 -8.19
N ASN A 60 3.83 -14.46 -8.18
CA ASN A 60 3.72 -15.39 -9.31
C ASN A 60 2.81 -14.88 -10.41
N ASN A 61 2.21 -13.69 -10.23
CA ASN A 61 1.32 -13.09 -11.22
C ASN A 61 0.10 -13.98 -11.47
N ASP A 62 -0.44 -14.55 -10.39
CA ASP A 62 -1.68 -15.32 -10.48
C ASP A 62 -2.92 -14.43 -10.49
N TYR A 63 -2.77 -13.17 -10.08
CA TYR A 63 -3.89 -12.24 -10.03
C TYR A 63 -3.91 -11.38 -11.28
N GLN A 64 -5.08 -11.31 -11.92
CA GLN A 64 -5.28 -10.41 -13.06
C GLN A 64 -6.04 -9.15 -12.68
N SER A 65 -6.55 -9.07 -11.46
CA SER A 65 -7.43 -7.97 -11.06
C SER A 65 -7.35 -7.81 -9.55
N ILE A 66 -7.69 -6.60 -9.08
CA ILE A 66 -7.81 -6.38 -7.65
C ILE A 66 -8.99 -7.15 -7.08
N GLU A 67 -10.06 -7.32 -7.87
CA GLU A 67 -11.22 -8.06 -7.40
C GLU A 67 -10.85 -9.49 -7.03
N GLU A 68 -9.90 -10.10 -7.76
CA GLU A 68 -9.44 -11.44 -7.43
C GLU A 68 -8.82 -11.48 -6.04
N LEU A 69 -7.97 -10.50 -5.72
CA LEU A 69 -7.39 -10.43 -4.39
C LEU A 69 -8.48 -10.26 -3.34
N LYS A 70 -9.46 -9.40 -3.59
CA LYS A 70 -10.55 -9.20 -2.64
C LYS A 70 -11.31 -10.50 -2.39
N ASP A 71 -11.59 -11.25 -3.47
CA ASP A 71 -12.25 -12.54 -3.31
C ASP A 71 -11.42 -13.47 -2.44
N ASN A 72 -10.11 -13.54 -2.68
CA ASN A 72 -9.24 -14.38 -1.86
C ASN A 72 -9.23 -13.94 -0.40
N PHE A 73 -9.26 -12.62 -0.17
CA PHE A 73 -9.32 -12.12 1.20
C PHE A 73 -10.61 -12.53 1.88
N LYS A 74 -11.74 -12.42 1.18
CA LYS A 74 -13.01 -12.86 1.74
C LYS A 74 -13.00 -14.36 2.01
N LEU A 75 -12.42 -15.13 1.09
CA LEU A 75 -12.26 -16.57 1.32
C LEU A 75 -11.51 -16.84 2.60
N MET A 76 -10.41 -16.11 2.85
CA MET A 76 -9.65 -16.25 4.09
CA MET A 76 -9.66 -16.28 4.08
C MET A 76 -10.56 -16.14 5.30
N CYS A 77 -11.38 -15.08 5.32
CA CYS A 77 -12.21 -14.80 6.47
C CYS A 77 -13.37 -15.77 6.54
N THR A 78 -13.89 -16.19 5.38
CA THR A 78 -15.01 -17.13 5.33
C THR A 78 -14.60 -18.51 5.81
N ASN A 79 -13.42 -18.98 5.38
CA ASN A 79 -12.88 -20.25 5.84
C ASN A 79 -12.81 -20.28 7.36
N ALA A 80 -12.30 -19.21 7.96
CA ALA A 80 -12.12 -19.18 9.41
C ALA A 80 -13.45 -19.20 10.14
N MET A 81 -14.47 -18.55 9.60
CA MET A 81 -15.78 -18.54 10.23
C MET A 81 -16.53 -19.85 10.01
N ILE A 82 -16.14 -20.63 9.00
CA ILE A 82 -16.75 -21.94 8.81
C ILE A 82 -16.10 -22.98 9.73
N TYR A 83 -14.77 -22.99 9.80
CA TYR A 83 -14.09 -24.03 10.55
C TYR A 83 -14.18 -23.80 12.06
N ASN A 84 -13.93 -22.57 12.51
CA ASN A 84 -13.86 -22.29 13.93
C ASN A 84 -15.24 -22.02 14.50
N LYS A 85 -15.47 -22.49 15.71
CA LYS A 85 -16.73 -22.26 16.38
C LYS A 85 -16.83 -20.82 16.86
N PRO A 86 -18.05 -20.29 17.00
CA PRO A 86 -18.19 -18.85 17.29
C PRO A 86 -17.55 -18.42 18.60
N GLU A 87 -17.42 -19.33 19.56
CA GLU A 87 -16.84 -18.96 20.85
C GLU A 87 -15.33 -18.84 20.82
N THR A 88 -14.68 -19.19 19.71
CA THR A 88 -13.22 -19.21 19.63
C THR A 88 -12.64 -17.85 19.27
N ILE A 89 -11.37 -17.66 19.62
CA ILE A 89 -10.67 -16.41 19.29
C ILE A 89 -10.51 -16.26 17.78
N TYR A 90 -10.41 -17.38 17.06
CA TYR A 90 -10.16 -17.31 15.62
C TYR A 90 -11.40 -16.87 14.87
N TYR A 91 -12.58 -17.33 15.30
CA TYR A 91 -13.83 -16.86 14.70
C TYR A 91 -13.97 -15.35 14.88
N LYS A 92 -13.84 -14.88 16.13
CA LYS A 92 -13.98 -13.45 16.39
C LYS A 92 -12.95 -12.63 15.60
N ALA A 93 -11.72 -13.14 15.48
CA ALA A 93 -10.70 -12.42 14.74
C ALA A 93 -11.03 -12.36 13.25
N ALA A 94 -11.65 -13.42 12.71
CA ALA A 94 -12.04 -13.40 11.30
C ALA A 94 -13.12 -12.37 11.04
N LYS A 95 -14.06 -12.23 11.98
CA LYS A 95 -15.12 -11.25 11.81
C LYS A 95 -14.57 -9.83 11.87
N LYS A 96 -13.64 -9.58 12.80
CA LYS A 96 -13.04 -8.26 12.91
C LYS A 96 -12.22 -7.93 11.68
N LEU A 97 -11.48 -8.92 11.17
CA LEU A 97 -10.64 -8.70 9.99
C LEU A 97 -11.48 -8.50 8.74
N LEU A 98 -12.56 -9.26 8.59
CA LEU A 98 -13.44 -9.10 7.43
C LEU A 98 -14.03 -7.70 7.39
N HIS A 99 -14.52 -7.21 8.53
CA HIS A 99 -15.12 -5.88 8.56
C HIS A 99 -14.08 -4.80 8.25
N SER A 100 -12.89 -4.89 8.85
CA SER A 100 -11.85 -3.90 8.60
CA SER A 100 -11.86 -3.90 8.59
C SER A 100 -11.33 -4.01 7.17
N GLY A 101 -11.15 -5.23 6.67
CA GLY A 101 -10.61 -5.40 5.34
C GLY A 101 -11.54 -4.94 4.24
N MET A 102 -12.85 -5.12 4.44
CA MET A 102 -13.81 -4.68 3.43
C MET A 102 -13.86 -3.16 3.31
N LYS A 103 -13.53 -2.44 4.38
CA LYS A 103 -13.42 -0.99 4.29
C LYS A 103 -12.16 -0.58 3.54
N ILE A 104 -11.06 -1.28 3.78
CA ILE A 104 -9.86 -1.08 2.96
C ILE A 104 -10.15 -1.39 1.50
N LEU A 105 -10.84 -2.50 1.24
CA LEU A 105 -11.16 -2.91 -0.12
C LEU A 105 -12.48 -2.35 -0.61
N SER A 106 -12.73 -1.08 -0.32
CA SER A 106 -13.95 -0.41 -0.76
C SER A 106 -13.96 -0.25 -2.28
N GLN A 107 -15.17 -0.08 -2.82
CA GLN A 107 -15.30 0.19 -4.25
C GLN A 107 -14.50 1.40 -4.67
N GLU A 108 -14.46 2.44 -3.84
CA GLU A 108 -13.80 3.68 -4.22
C GLU A 108 -12.29 3.52 -4.27
N ARG A 109 -11.69 2.80 -3.31
CA ARG A 109 -10.25 2.59 -3.38
C ARG A 109 -9.89 1.67 -4.56
N ILE A 110 -10.70 0.63 -4.78
CA ILE A 110 -10.43 -0.29 -5.88
C ILE A 110 -10.51 0.44 -7.21
N GLN A 111 -11.57 1.23 -7.40
CA GLN A 111 -11.72 1.98 -8.64
C GLN A 111 -10.62 3.02 -8.78
N SER A 112 -10.25 3.69 -7.69
CA SER A 112 -9.15 4.64 -7.74
C SER A 112 -7.84 3.96 -8.14
N LEU A 113 -7.54 2.82 -7.52
CA LEU A 113 -6.30 2.12 -7.84
C LEU A 113 -6.31 1.63 -9.29
N LYS A 114 -7.46 1.19 -9.78
CA LYS A 114 -7.54 0.71 -11.15
C LYS A 114 -7.27 1.85 -12.15
N GLN A 115 -7.80 3.04 -11.86
CA GLN A 115 -7.49 4.20 -12.70
C GLN A 115 -6.00 4.48 -12.74
N SER A 116 -5.33 4.39 -11.58
CA SER A 116 -3.89 4.65 -11.53
C SER A 116 -3.12 3.62 -12.33
N ILE A 117 -3.52 2.34 -12.22
CA ILE A 117 -2.83 1.27 -12.93
C ILE A 117 -2.90 1.50 -14.43
N ASP A 118 -4.06 1.91 -14.94
CA ASP A 118 -4.21 2.18 -16.37
C ASP A 118 -3.38 3.37 -16.80
N PHE A 119 -3.30 4.40 -15.95
CA PHE A 119 -2.49 5.57 -16.28
C PHE A 119 -1.01 5.25 -16.34
N MET A 120 -0.56 4.29 -15.52
CA MET A 120 0.84 3.88 -15.53
C MET A 120 1.17 2.92 -16.67
N ALA A 121 0.18 2.44 -17.40
CA ALA A 121 0.41 1.48 -18.47
C ALA A 121 0.89 2.17 -19.74
N ASP A 122 1.32 1.35 -20.70
CA ASP A 122 1.68 1.77 -22.06
C ASP A 122 2.38 3.11 -22.16
N LEU B 9 24.21 4.66 -3.38
CA LEU B 9 23.26 5.76 -3.30
C LEU B 9 21.83 5.29 -3.52
N GLN B 10 21.64 4.41 -4.50
CA GLN B 10 20.32 3.81 -4.72
C GLN B 10 19.83 3.11 -3.47
N GLU B 11 20.71 2.34 -2.81
CA GLU B 11 20.33 1.69 -1.56
C GLU B 11 19.91 2.71 -0.52
N ALA B 12 20.63 3.83 -0.43
CA ALA B 12 20.25 4.89 0.50
C ALA B 12 18.91 5.50 0.11
N LEU B 13 18.70 5.76 -1.19
CA LEU B 13 17.43 6.34 -1.63
C LEU B 13 16.29 5.36 -1.44
N ASN B 14 16.53 4.06 -1.65
CA ASN B 14 15.46 3.08 -1.48
C ASN B 14 15.04 2.93 -0.02
N GLN B 15 15.98 3.08 0.93
CA GLN B 15 15.60 2.97 2.33
C GLN B 15 14.85 4.21 2.79
N LEU B 16 15.24 5.39 2.32
CA LEU B 16 14.48 6.59 2.61
C LEU B 16 13.05 6.48 2.08
N MET B 17 12.92 5.95 0.86
CA MET B 17 11.60 5.68 0.29
C MET B 17 10.73 4.86 1.25
N ARG B 18 11.25 3.73 1.72
CA ARG B 18 10.49 2.87 2.60
C ARG B 18 10.05 3.60 3.86
N GLN B 19 10.94 4.43 4.43
CA GLN B 19 10.58 5.21 5.61
C GLN B 19 9.43 6.17 5.31
N LEU B 20 9.51 6.88 4.18
CA LEU B 20 8.50 7.87 3.86
C LEU B 20 7.14 7.22 3.60
N GLN B 21 7.12 6.09 2.89
CA GLN B 21 5.86 5.46 2.53
C GLN B 21 5.12 4.94 3.75
N ARG B 22 5.83 4.58 4.82
CA ARG B 22 5.19 4.13 6.04
C ARG B 22 4.44 5.27 6.74
N LYS B 23 4.73 6.52 6.38
CA LYS B 23 3.97 7.66 6.86
C LYS B 23 2.77 7.97 5.98
N ASP B 24 2.53 7.13 4.97
CA ASP B 24 1.33 7.21 4.11
C ASP B 24 0.61 5.87 4.25
N PRO B 25 0.03 5.59 5.42
CA PRO B 25 -0.58 4.27 5.63
C PRO B 25 -1.86 4.06 4.84
N SER B 26 -2.57 5.14 4.50
CA SER B 26 -3.75 5.05 3.64
C SER B 26 -3.39 4.81 2.18
N ALA B 27 -2.11 4.94 1.81
CA ALA B 27 -1.63 4.67 0.46
C ALA B 27 -2.24 5.64 -0.57
N PHE B 28 -2.45 6.89 -0.16
CA PHE B 28 -2.97 7.89 -1.08
C PHE B 28 -1.91 8.43 -2.04
N PHE B 29 -0.64 8.35 -1.69
CA PHE B 29 0.45 8.94 -2.47
C PHE B 29 1.29 7.90 -3.20
N SER B 30 0.85 6.64 -3.21
CA SER B 30 1.61 5.58 -3.86
C SER B 30 1.63 5.71 -5.37
N PHE B 31 0.57 6.23 -5.99
CA PHE B 31 0.37 6.14 -7.42
C PHE B 31 -0.11 7.48 -7.97
N PRO B 32 0.07 7.73 -9.27
CA PRO B 32 -0.32 9.02 -9.83
C PRO B 32 -1.82 9.28 -9.71
N VAL B 33 -2.18 10.51 -9.38
CA VAL B 33 -3.57 10.93 -9.38
C VAL B 33 -4.04 11.10 -10.82
N THR B 34 -5.27 10.65 -11.10
CA THR B 34 -5.83 10.76 -12.43
C THR B 34 -7.01 11.73 -12.43
N ASP B 35 -7.29 12.28 -13.61
CA ASP B 35 -8.40 13.21 -13.76
C ASP B 35 -9.75 12.53 -13.53
N PHE B 36 -9.80 11.21 -13.64
CA PHE B 36 -11.07 10.51 -13.44
C PHE B 36 -11.51 10.57 -11.98
N ILE B 37 -10.57 10.39 -11.04
CA ILE B 37 -10.91 10.48 -9.62
C ILE B 37 -10.73 11.90 -9.07
N ALA B 38 -10.00 12.76 -9.79
CA ALA B 38 -9.73 14.12 -9.33
C ALA B 38 -9.91 15.06 -10.51
N PRO B 39 -11.12 15.59 -10.70
CA PRO B 39 -11.40 16.40 -11.89
C PRO B 39 -10.46 17.60 -12.00
N GLY B 40 -9.96 17.82 -13.22
CA GLY B 40 -9.08 18.94 -13.48
C GLY B 40 -7.70 18.85 -12.90
N TYR B 41 -7.29 17.68 -12.40
CA TYR B 41 -5.99 17.57 -11.75
C TYR B 41 -4.85 17.98 -12.69
N SER B 42 -4.84 17.42 -13.90
CA SER B 42 -3.76 17.71 -14.84
C SER B 42 -3.77 19.16 -15.31
N MET B 43 -4.89 19.86 -15.14
CA MET B 43 -4.98 21.28 -15.48
C MET B 43 -4.62 22.20 -14.31
N ILE B 44 -4.58 21.68 -13.09
CA ILE B 44 -4.29 22.48 -11.91
C ILE B 44 -2.88 22.26 -11.41
N ILE B 45 -2.40 21.02 -11.46
CA ILE B 45 -1.09 20.65 -10.94
C ILE B 45 -0.14 20.52 -12.12
N LYS B 46 0.88 21.39 -12.17
CA LYS B 46 1.74 21.48 -13.34
C LYS B 46 2.80 20.39 -13.36
N HIS B 47 3.24 19.91 -12.20
CA HIS B 47 4.29 18.90 -12.11
C HIS B 47 3.84 17.83 -11.12
N PRO B 48 3.07 16.84 -11.59
CA PRO B 48 2.61 15.79 -10.68
C PRO B 48 3.76 14.93 -10.17
N MET B 49 3.58 14.37 -8.99
CA MET B 49 4.58 13.50 -8.39
C MET B 49 3.90 12.51 -7.46
N ASP B 50 4.49 11.32 -7.35
CA ASP B 50 3.96 10.27 -6.48
C ASP B 50 5.09 9.31 -6.14
N PHE B 51 4.83 8.43 -5.16
CA PHE B 51 5.88 7.55 -4.67
C PHE B 51 6.36 6.57 -5.74
N SER B 52 5.43 6.03 -6.54
CA SER B 52 5.83 5.09 -7.57
C SER B 52 6.72 5.75 -8.62
N THR B 53 6.46 7.01 -8.92
CA THR B 53 7.32 7.74 -9.85
C THR B 53 8.71 7.97 -9.25
N MET B 54 8.78 8.31 -7.96
CA MET B 54 10.08 8.50 -7.32
CA MET B 54 10.08 8.50 -7.32
C MET B 54 10.85 7.18 -7.27
N LYS B 55 10.15 6.07 -7.02
CA LYS B 55 10.80 4.76 -7.03
C LYS B 55 11.37 4.45 -8.40
N GLU B 56 10.65 4.82 -9.46
CA GLU B 56 11.13 4.55 -10.81
C GLU B 56 12.28 5.47 -11.20
N LYS B 57 12.34 6.67 -10.60
CA LYS B 57 13.49 7.54 -10.84
C LYS B 57 14.74 6.99 -10.18
N ILE B 58 14.59 6.32 -9.03
CA ILE B 58 15.72 5.65 -8.41
C ILE B 58 16.24 4.52 -9.31
N LYS B 59 15.32 3.69 -9.82
CA LYS B 59 15.73 2.59 -10.70
C LYS B 59 16.53 3.07 -11.88
N ASN B 60 16.07 4.16 -12.47
CA ASN B 60 16.59 4.70 -13.70
C ASN B 60 17.78 5.62 -13.47
N ASN B 61 18.18 5.79 -12.22
CA ASN B 61 19.32 6.61 -11.85
C ASN B 61 19.10 8.06 -12.27
N ASP B 62 17.89 8.56 -12.04
CA ASP B 62 17.62 9.97 -12.29
C ASP B 62 18.07 10.86 -11.14
N TYR B 63 18.31 10.29 -9.95
CA TYR B 63 18.72 11.04 -8.79
C TYR B 63 20.23 10.94 -8.62
N GLN B 64 20.89 12.09 -8.49
CA GLN B 64 22.31 12.15 -8.14
C GLN B 64 22.53 12.54 -6.69
N SER B 65 21.47 12.88 -5.96
CA SER B 65 21.58 13.44 -4.62
C SER B 65 20.34 13.11 -3.83
N ILE B 66 20.48 13.12 -2.51
CA ILE B 66 19.31 13.00 -1.64
C ILE B 66 18.43 14.24 -1.76
N GLU B 67 19.05 15.40 -1.99
CA GLU B 67 18.29 16.64 -2.09
C GLU B 67 17.26 16.59 -3.21
N GLU B 68 17.59 15.94 -4.33
CA GLU B 68 16.63 15.79 -5.41
C GLU B 68 15.41 15.00 -4.97
N LEU B 69 15.63 13.90 -4.25
CA LEU B 69 14.51 13.12 -3.72
C LEU B 69 13.65 13.96 -2.80
N LYS B 70 14.28 14.75 -1.93
CA LYS B 70 13.55 15.61 -1.01
C LYS B 70 12.70 16.63 -1.77
N ASP B 71 13.25 17.23 -2.82
CA ASP B 71 12.48 18.16 -3.64
C ASP B 71 11.26 17.48 -4.24
N ASN B 72 11.44 16.28 -4.78
CA ASN B 72 10.30 15.55 -5.34
C ASN B 72 9.28 15.20 -4.27
N PHE B 73 9.74 14.82 -3.08
CA PHE B 73 8.81 14.49 -1.99
C PHE B 73 8.02 15.72 -1.56
N LYS B 74 8.68 16.87 -1.42
CA LYS B 74 7.97 18.10 -1.06
C LYS B 74 6.99 18.51 -2.14
N LEU B 75 7.39 18.37 -3.41
CA LEU B 75 6.48 18.65 -4.53
C LEU B 75 5.22 17.81 -4.44
N MET B 76 5.36 16.53 -4.08
CA MET B 76 4.20 15.64 -3.97
CA MET B 76 4.20 15.65 -3.97
C MET B 76 3.23 16.13 -2.91
N CYS B 77 3.75 16.52 -1.74
CA CYS B 77 2.88 16.95 -0.65
C CYS B 77 2.30 18.33 -0.91
N THR B 78 3.08 19.23 -1.52
CA THR B 78 2.56 20.56 -1.81
C THR B 78 1.50 20.51 -2.91
N ASN B 79 1.68 19.64 -3.90
CA ASN B 79 0.66 19.43 -4.93
C ASN B 79 -0.69 19.10 -4.29
N ALA B 80 -0.70 18.19 -3.33
CA ALA B 80 -1.96 17.78 -2.72
C ALA B 80 -2.61 18.89 -1.91
N MET B 81 -1.80 19.76 -1.29
CA MET B 81 -2.35 20.87 -0.53
CA MET B 81 -2.36 20.86 -0.53
C MET B 81 -2.83 22.00 -1.41
N ILE B 82 -2.40 22.04 -2.67
CA ILE B 82 -2.90 23.04 -3.61
C ILE B 82 -4.21 22.57 -4.24
N TYR B 83 -4.26 21.31 -4.66
CA TYR B 83 -5.44 20.80 -5.37
C TYR B 83 -6.60 20.54 -4.42
N ASN B 84 -6.34 19.91 -3.27
CA ASN B 84 -7.39 19.49 -2.37
C ASN B 84 -7.77 20.58 -1.37
N LYS B 85 -9.06 20.63 -1.02
CA LYS B 85 -9.53 21.56 -0.02
C LYS B 85 -9.12 21.09 1.38
N PRO B 86 -8.97 22.01 2.33
CA PRO B 86 -8.40 21.62 3.65
C PRO B 86 -9.23 20.61 4.43
N GLU B 87 -10.54 20.55 4.20
CA GLU B 87 -11.38 19.62 4.95
C GLU B 87 -11.29 18.19 4.43
N THR B 88 -10.59 17.95 3.33
CA THR B 88 -10.56 16.64 2.71
C THR B 88 -9.49 15.75 3.35
N ILE B 89 -9.68 14.44 3.19
CA ILE B 89 -8.72 13.49 3.75
C ILE B 89 -7.36 13.63 3.07
N TYR B 90 -7.34 14.04 1.80
CA TYR B 90 -6.09 14.10 1.06
C TYR B 90 -5.24 15.29 1.48
N TYR B 91 -5.86 16.44 1.75
CA TYR B 91 -5.13 17.56 2.30
C TYR B 91 -4.54 17.22 3.66
N LYS B 92 -5.37 16.71 4.57
CA LYS B 92 -4.90 16.36 5.90
C LYS B 92 -3.79 15.32 5.84
N ALA B 93 -3.90 14.35 4.93
CA ALA B 93 -2.86 13.34 4.80
C ALA B 93 -1.58 13.92 4.24
N ALA B 94 -1.69 14.89 3.33
CA ALA B 94 -0.50 15.52 2.77
C ALA B 94 0.25 16.32 3.81
N LYS B 95 -0.48 17.04 4.68
CA LYS B 95 0.19 17.83 5.71
C LYS B 95 0.87 16.94 6.73
N LYS B 96 0.22 15.84 7.12
CA LYS B 96 0.86 14.91 8.06
C LYS B 96 2.08 14.26 7.43
N LEU B 97 1.99 13.88 6.15
CA LEU B 97 3.11 13.22 5.49
C LEU B 97 4.29 14.19 5.32
N LEU B 98 3.99 15.44 4.98
CA LEU B 98 5.06 16.43 4.82
C LEU B 98 5.79 16.64 6.15
N HIS B 99 5.05 16.78 7.25
CA HIS B 99 5.67 16.99 8.55
C HIS B 99 6.52 15.79 8.96
N SER B 100 6.00 14.57 8.74
CA SER B 100 6.76 13.38 9.08
C SER B 100 7.95 13.19 8.15
N GLY B 101 7.76 13.46 6.85
CA GLY B 101 8.83 13.26 5.89
C GLY B 101 9.97 14.24 6.04
N MET B 102 9.66 15.49 6.42
CA MET B 102 10.73 16.48 6.58
C MET B 102 11.63 16.15 7.76
N LYS B 103 11.10 15.44 8.76
CA LYS B 103 11.97 14.97 9.84
C LYS B 103 12.83 13.80 9.38
N ILE B 104 12.26 12.91 8.56
CA ILE B 104 13.05 11.86 7.94
C ILE B 104 14.16 12.46 7.09
N LEU B 105 13.81 13.43 6.26
CA LEU B 105 14.76 14.11 5.38
C LEU B 105 15.28 15.41 5.99
N SER B 106 15.57 15.44 7.27
CA SER B 106 16.08 16.66 7.88
C SER B 106 17.48 16.96 7.35
N GLN B 107 17.87 18.24 7.45
CA GLN B 107 19.21 18.63 7.03
C GLN B 107 20.28 17.79 7.71
N GLU B 108 20.09 17.51 9.00
CA GLU B 108 21.09 16.75 9.75
C GLU B 108 21.12 15.29 9.30
N ARG B 109 19.95 14.70 9.06
CA ARG B 109 19.89 13.32 8.60
C ARG B 109 20.50 13.16 7.22
N ILE B 110 20.28 14.14 6.34
CA ILE B 110 20.86 14.08 5.01
C ILE B 110 22.39 14.12 5.09
N GLN B 111 22.93 15.01 5.92
CA GLN B 111 24.39 15.10 6.05
C GLN B 111 24.97 13.82 6.64
N SER B 112 24.28 13.22 7.61
CA SER B 112 24.74 11.96 8.19
C SER B 112 24.79 10.85 7.14
N LEU B 113 23.72 10.70 6.35
CA LEU B 113 23.67 9.65 5.35
C LEU B 113 24.70 9.87 4.25
N LYS B 114 25.01 11.13 3.93
CA LYS B 114 26.03 11.41 2.92
C LYS B 114 27.38 10.84 3.36
N GLN B 115 27.67 10.90 4.67
CA GLN B 115 28.89 10.32 5.22
C GLN B 115 29.05 8.84 4.88
N SER B 116 27.93 8.12 4.65
N SER B 116 27.94 8.13 4.64
CA SER B 116 27.99 6.69 4.37
CA SER B 116 27.96 6.70 4.37
C SER B 116 27.73 6.38 2.90
C SER B 116 27.80 6.38 2.89
N ILE B 117 27.89 7.37 2.02
CA ILE B 117 27.71 7.18 0.60
C ILE B 117 29.02 7.43 -0.14
#